data_6PA0
#
_entry.id   6PA0
#
_cell.length_a   155.018
_cell.length_b   155.018
_cell.length_c   76.102
_cell.angle_alpha   90.00
_cell.angle_beta   90.00
_cell.angle_gamma   90.00
#
_symmetry.space_group_name_H-M   'I 4'
#
loop_
_entity.id
_entity.type
_entity.pdbx_description
1 polymer 'Antibody HEAVY fragment'
2 polymer 'Antibody LIGHT fragment'
3 polymer 'pH-gated potassium channel KcsA'
4 non-polymer NONAN-1-OL
5 non-polymer 'DIACYL GLYCEROL'
6 non-polymer 'SODIUM ION'
7 water water
#
loop_
_entity_poly.entity_id
_entity_poly.type
_entity_poly.pdbx_seq_one_letter_code
_entity_poly.pdbx_strand_id
1 'polypeptide(L)'
;QVQLQQPGAELVKPGASVKLSCKASGYTFTSDWIHWVKQRPGHGLEWIGEIIPSYGRANYNEKIQKKATLTADKSSSTAF
MQLSSLTSEDSAVYYCARERGDGYFAVWGAGTTVTVSSAKTTPPSVYPLAPGSAAQTNSMVTLGCLVKGYFPEPVTVTWN
SGSLSSGVHTFPAVLQSDLYTLSSSVTVPSSSWPSETVTCNVAHPASSTKVDKKIVPRD
;
A
2 'polypeptide(L)'
;DILLTQSPAILSVSPGERVSFSCRASQSIGTDIHWYQQRTNGSPRLLIKYASESISGIPSRFSGSGSGTDFTLSINSVES
EDIANYYCQQSNRWPFTFGSGTKLEIKRADAAPTVSIFPPSSEQLTSGGASVVCFLNNFYPKDINVKWKIDGSERQNGVL
NSWTDQDSKDSTYSMSSTLTLTKDEYERHNSYTCEATHKTSTSPIVKSFNRN
;
B
3 'polypeptide(L)'
;SALHWRAAGAATVLLVIVLLAGSYLAVLAERGAPGAQLITYPRALWWSVETATTVAYGDLYPVTLWGRCVAVVVMVAGIT
SFGLVTAALATWFVGREQERRGH
;
C
#
loop_
_chem_comp.id
_chem_comp.type
_chem_comp.name
_chem_comp.formula
DGA non-polymer 'DIACYL GLYCEROL' 'C39 H76 O5'
F09 non-polymer NONAN-1-OL 'C9 H20 O'
NA non-polymer 'SODIUM ION' 'Na 1'
#
# COMPACT_ATOMS: atom_id res chain seq x y z
N GLN A 1 0.96 -17.85 -2.25
CA GLN A 1 0.71 -17.21 -3.54
C GLN A 1 0.12 -15.79 -3.32
N VAL A 2 0.31 -14.91 -4.30
CA VAL A 2 -0.23 -13.54 -4.20
C VAL A 2 -1.74 -13.61 -4.05
N GLN A 3 -2.26 -12.97 -3.00
CA GLN A 3 -3.68 -13.13 -2.68
C GLN A 3 -4.59 -12.25 -3.54
N LEU A 4 -4.15 -11.05 -3.95
CA LEU A 4 -4.99 -10.13 -4.72
C LEU A 4 -4.20 -9.60 -5.90
N GLN A 5 -4.71 -9.79 -7.13
CA GLN A 5 -3.97 -9.48 -8.34
C GLN A 5 -4.63 -8.32 -9.07
N GLN A 6 -3.89 -7.22 -9.24
CA GLN A 6 -4.39 -6.06 -9.96
C GLN A 6 -3.46 -5.72 -11.11
N PRO A 7 -3.99 -5.21 -12.23
CA PRO A 7 -3.13 -4.68 -13.29
C PRO A 7 -2.28 -3.52 -12.80
N GLY A 8 -1.10 -3.37 -13.41
CA GLY A 8 -0.18 -2.33 -12.97
C GLY A 8 -0.64 -0.92 -13.29
N ALA A 9 -1.33 -0.72 -14.41
CA ALA A 9 -1.57 0.64 -14.86
C ALA A 9 -2.76 0.69 -15.80
N GLU A 10 -3.38 1.87 -15.87
CA GLU A 10 -4.45 2.13 -16.81
C GLU A 10 -4.37 3.60 -17.21
N LEU A 11 -4.37 3.86 -18.52
CA LEU A 11 -4.40 5.21 -19.05
C LEU A 11 -5.82 5.53 -19.51
N VAL A 12 -6.35 6.67 -19.07
CA VAL A 12 -7.74 7.05 -19.33
C VAL A 12 -7.77 8.47 -19.86
N LYS A 13 -8.50 8.69 -20.94
CA LYS A 13 -8.68 10.05 -21.43
C LYS A 13 -9.64 10.81 -20.53
N PRO A 14 -9.43 12.11 -20.37
CA PRO A 14 -10.36 12.90 -19.54
C PRO A 14 -11.78 12.76 -20.06
N GLY A 15 -12.70 12.42 -19.15
CA GLY A 15 -14.07 12.14 -19.48
C GLY A 15 -14.39 10.68 -19.69
N ALA A 16 -13.41 9.86 -20.05
CA ALA A 16 -13.66 8.45 -20.25
C ALA A 16 -13.76 7.73 -18.91
N SER A 17 -13.96 6.41 -18.99
CA SER A 17 -14.16 5.54 -17.85
C SER A 17 -13.24 4.34 -17.96
N VAL A 18 -13.06 3.63 -16.85
CA VAL A 18 -12.18 2.47 -16.82
C VAL A 18 -12.67 1.52 -15.74
N LYS A 19 -12.51 0.23 -16.00
CA LYS A 19 -12.94 -0.81 -15.08
C LYS A 19 -11.70 -1.50 -14.54
N LEU A 20 -11.42 -1.28 -13.25
CA LEU A 20 -10.29 -1.92 -12.60
C LEU A 20 -10.71 -3.28 -12.05
N SER A 21 -9.78 -4.22 -12.03
CA SER A 21 -10.08 -5.57 -11.59
C SER A 21 -9.15 -5.98 -10.45
N CYS A 22 -9.61 -6.96 -9.68
CA CYS A 22 -8.92 -7.43 -8.48
C CYS A 22 -9.31 -8.91 -8.37
N LYS A 23 -8.40 -9.79 -8.80
CA LYS A 23 -8.66 -11.23 -8.77
C LYS A 23 -8.08 -11.81 -7.49
N ALA A 24 -8.92 -12.49 -6.71
CA ALA A 24 -8.56 -12.97 -5.38
C ALA A 24 -8.24 -14.46 -5.39
N SER A 25 -7.28 -14.85 -4.57
CA SER A 25 -6.91 -16.25 -4.35
C SER A 25 -6.88 -16.55 -2.86
N GLY A 26 -6.40 -17.74 -2.49
CA GLY A 26 -6.37 -18.04 -1.09
C GLY A 26 -7.74 -18.42 -0.57
N TYR A 27 -7.86 -18.43 0.75
CA TYR A 27 -9.13 -18.77 1.39
C TYR A 27 -10.21 -17.75 1.04
N THR A 28 -11.40 -18.27 0.72
CA THR A 28 -12.55 -17.47 0.31
C THR A 28 -13.71 -17.79 1.24
N PHE A 29 -14.29 -16.77 1.85
CA PHE A 29 -15.38 -16.95 2.80
C PHE A 29 -16.54 -16.07 2.41
N THR A 30 -17.74 -16.53 2.78
CA THR A 30 -18.96 -15.77 2.58
C THR A 30 -18.96 -14.45 3.36
N SER A 31 -18.17 -14.37 4.43
CA SER A 31 -18.02 -13.14 5.19
C SER A 31 -16.95 -12.22 4.63
N ASP A 32 -16.37 -12.53 3.46
CA ASP A 32 -15.29 -11.70 2.91
C ASP A 32 -15.83 -10.39 2.36
N TRP A 33 -15.13 -9.29 2.65
CA TRP A 33 -15.40 -8.01 1.99
C TRP A 33 -14.17 -7.53 1.22
N ILE A 34 -14.39 -7.01 0.02
CA ILE A 34 -13.32 -6.43 -0.80
C ILE A 34 -13.49 -4.92 -0.76
N HIS A 35 -12.43 -4.21 -0.37
CA HIS A 35 -12.40 -2.77 -0.22
C HIS A 35 -11.51 -2.15 -1.29
N TRP A 36 -11.79 -0.89 -1.61
CA TRP A 36 -10.98 -0.12 -2.56
C TRP A 36 -10.51 1.16 -1.90
N VAL A 37 -9.22 1.50 -2.08
CA VAL A 37 -8.57 2.60 -1.41
C VAL A 37 -7.81 3.43 -2.45
N LYS A 38 -7.99 4.75 -2.41
CA LYS A 38 -7.32 5.65 -3.35
C LYS A 38 -6.15 6.35 -2.67
N GLN A 39 -5.01 6.41 -3.35
CA GLN A 39 -3.84 7.10 -2.83
C GLN A 39 -3.28 7.99 -3.95
N ARG A 40 -3.46 9.31 -3.80
CA ARG A 40 -2.86 10.28 -4.72
C ARG A 40 -1.37 10.41 -4.42
N PRO A 41 -0.55 10.66 -5.44
CA PRO A 41 0.90 10.73 -5.23
C PRO A 41 1.26 11.68 -4.10
N GLY A 42 2.09 11.18 -3.18
CA GLY A 42 2.45 11.93 -2.00
C GLY A 42 1.34 12.21 -0.99
N HIS A 43 0.21 11.51 -1.07
CA HIS A 43 -0.89 11.75 -0.13
C HIS A 43 -1.24 10.46 0.61
N GLY A 44 -2.24 10.55 1.49
CA GLY A 44 -2.60 9.46 2.36
C GLY A 44 -3.51 8.46 1.67
N LEU A 45 -4.09 7.57 2.50
CA LEU A 45 -5.01 6.55 2.05
C LEU A 45 -6.44 7.04 2.24
N GLU A 46 -7.24 6.89 1.21
CA GLU A 46 -8.62 7.35 1.19
C GLU A 46 -9.53 6.17 0.87
N TRP A 47 -10.46 5.88 1.76
CA TRP A 47 -11.35 4.74 1.56
C TRP A 47 -12.38 5.09 0.48
N ILE A 48 -12.54 4.25 -0.52
CA ILE A 48 -13.52 4.52 -1.57
C ILE A 48 -14.84 3.78 -1.33
N GLY A 49 -14.76 2.49 -1.04
CA GLY A 49 -15.97 1.72 -0.86
C GLY A 49 -15.62 0.27 -0.63
N GLU A 50 -16.67 -0.52 -0.48
CA GLU A 50 -16.54 -1.94 -0.17
C GLU A 50 -17.64 -2.69 -0.89
N ILE A 51 -17.41 -3.97 -1.11
CA ILE A 51 -18.43 -4.86 -1.65
C ILE A 51 -18.30 -6.20 -0.98
N ILE A 52 -19.44 -6.82 -0.68
CA ILE A 52 -19.45 -8.19 -0.17
C ILE A 52 -19.77 -9.11 -1.35
N PRO A 53 -18.79 -9.83 -1.90
CA PRO A 53 -19.03 -10.53 -3.18
C PRO A 53 -20.10 -11.61 -3.09
N SER A 54 -20.19 -12.32 -1.97
CA SER A 54 -21.20 -13.38 -1.81
C SER A 54 -22.63 -12.87 -1.84
N TYR A 55 -22.85 -11.56 -1.70
CA TYR A 55 -24.18 -10.98 -1.77
C TYR A 55 -24.28 -9.85 -2.79
N GLY A 56 -23.16 -9.31 -3.26
CA GLY A 56 -23.18 -8.28 -4.28
C GLY A 56 -23.50 -6.88 -3.80
N ARG A 57 -23.70 -6.67 -2.50
CA ARG A 57 -24.01 -5.33 -2.03
C ARG A 57 -22.74 -4.55 -1.80
N ALA A 58 -22.79 -3.27 -2.18
CA ALA A 58 -21.68 -2.34 -2.13
C ALA A 58 -22.07 -1.11 -1.32
N ASN A 59 -21.12 -0.57 -0.55
CA ASN A 59 -21.29 0.69 0.16
C ASN A 59 -20.15 1.62 -0.21
N TYR A 60 -20.38 2.94 -0.15
CA TYR A 60 -19.46 3.94 -0.68
C TYR A 60 -19.17 5.04 0.33
N ASN A 61 -17.94 5.57 0.29
CA ASN A 61 -17.62 6.76 1.07
C ASN A 61 -18.56 7.91 0.69
N GLU A 62 -19.33 8.40 1.68
CA GLU A 62 -20.29 9.47 1.44
C GLU A 62 -19.64 10.85 1.35
N LYS A 63 -18.42 11.00 1.88
CA LYS A 63 -17.78 12.32 1.95
C LYS A 63 -17.19 12.79 0.63
N ILE A 64 -16.99 11.88 -0.33
CA ILE A 64 -16.34 12.24 -1.59
C ILE A 64 -17.33 12.07 -2.73
N GLN A 65 -17.05 12.79 -3.82
CA GLN A 65 -17.86 12.67 -5.03
C GLN A 65 -17.81 11.23 -5.52
N LYS A 66 -18.98 10.65 -5.73
CA LYS A 66 -19.06 9.24 -6.09
C LYS A 66 -18.63 9.06 -7.55
N LYS A 67 -17.44 8.52 -7.76
CA LYS A 67 -16.95 8.20 -9.09
C LYS A 67 -16.83 6.69 -9.35
N ALA A 68 -17.03 5.86 -8.33
CA ALA A 68 -16.83 4.42 -8.46
C ALA A 68 -18.16 3.66 -8.43
N THR A 69 -18.14 2.47 -9.02
CA THR A 69 -19.25 1.52 -8.95
C THR A 69 -18.66 0.12 -8.83
N LEU A 70 -18.99 -0.56 -7.73
CA LEU A 70 -18.33 -1.81 -7.40
C LEU A 70 -19.22 -2.99 -7.80
N THR A 71 -18.61 -3.98 -8.44
CA THR A 71 -19.29 -5.23 -8.76
C THR A 71 -18.35 -6.37 -8.43
N ALA A 72 -18.88 -7.59 -8.45
CA ALA A 72 -18.04 -8.75 -8.23
C ALA A 72 -18.59 -9.93 -9.02
N ASP A 73 -17.68 -10.74 -9.55
CA ASP A 73 -17.99 -11.98 -10.24
C ASP A 73 -17.51 -13.12 -9.36
N LYS A 74 -18.47 -13.86 -8.78
CA LYS A 74 -18.15 -14.94 -7.86
C LYS A 74 -17.56 -16.13 -8.59
N SER A 75 -17.93 -16.32 -9.86
CA SER A 75 -17.42 -17.45 -10.63
C SER A 75 -15.93 -17.34 -10.90
N SER A 76 -15.37 -16.12 -10.96
CA SER A 76 -13.95 -15.95 -11.19
C SER A 76 -13.25 -15.27 -10.02
N SER A 77 -13.90 -15.22 -8.85
CA SER A 77 -13.41 -14.55 -7.65
C SER A 77 -12.77 -13.20 -7.97
N THR A 78 -13.43 -12.39 -8.80
CA THR A 78 -12.84 -11.12 -9.23
C THR A 78 -13.79 -9.98 -8.87
N ALA A 79 -13.25 -8.95 -8.25
CA ALA A 79 -14.03 -7.74 -7.96
C ALA A 79 -13.61 -6.65 -8.92
N PHE A 80 -14.58 -5.83 -9.35
CA PHE A 80 -14.35 -4.77 -10.31
C PHE A 80 -14.78 -3.43 -9.73
N MET A 81 -14.04 -2.37 -10.09
CA MET A 81 -14.42 -1.01 -9.75
C MET A 81 -14.47 -0.21 -11.04
N GLN A 82 -15.67 0.22 -11.42
CA GLN A 82 -15.83 1.08 -12.59
C GLN A 82 -15.69 2.52 -12.12
N LEU A 83 -14.61 3.17 -12.56
CA LEU A 83 -14.45 4.62 -12.36
C LEU A 83 -14.95 5.33 -13.60
N SER A 84 -15.80 6.33 -13.41
CA SER A 84 -16.58 6.91 -14.51
C SER A 84 -16.29 8.40 -14.67
N SER A 85 -16.14 8.83 -15.92
CA SER A 85 -15.94 10.24 -16.31
C SER A 85 -14.88 10.93 -15.44
N LEU A 86 -13.65 10.51 -15.68
CA LEU A 86 -12.54 10.92 -14.84
C LEU A 86 -11.95 12.26 -15.26
N THR A 87 -11.45 13.00 -14.28
CA THR A 87 -10.59 14.16 -14.47
C THR A 87 -9.20 13.82 -13.93
N SER A 88 -8.30 14.80 -14.02
CA SER A 88 -6.97 14.61 -13.48
C SER A 88 -6.98 14.43 -11.97
N GLU A 89 -8.01 14.93 -11.28
CA GLU A 89 -8.16 14.70 -9.85
C GLU A 89 -8.35 13.21 -9.51
N ASP A 90 -8.58 12.37 -10.51
CA ASP A 90 -8.77 10.95 -10.33
C ASP A 90 -7.52 10.12 -10.59
N SER A 91 -6.45 10.75 -11.07
CA SER A 91 -5.14 10.10 -11.22
C SER A 91 -4.61 9.69 -9.86
N ALA A 92 -4.34 8.40 -9.68
CA ALA A 92 -3.95 7.92 -8.37
C ALA A 92 -3.60 6.45 -8.47
N VAL A 93 -3.01 5.90 -7.42
CA VAL A 93 -2.92 4.46 -7.28
C VAL A 93 -4.19 4.02 -6.58
N TYR A 94 -4.87 3.02 -7.14
CA TYR A 94 -6.04 2.41 -6.52
C TYR A 94 -5.68 1.01 -6.05
N TYR A 95 -5.76 0.80 -4.73
CA TYR A 95 -5.53 -0.50 -4.11
C TYR A 95 -6.85 -1.22 -3.89
N CYS A 96 -6.81 -2.55 -3.99
CA CYS A 96 -7.87 -3.34 -3.40
C CYS A 96 -7.31 -4.05 -2.17
N ALA A 97 -8.20 -4.39 -1.24
CA ALA A 97 -7.78 -5.03 0.00
C ALA A 97 -8.89 -5.97 0.42
N ARG A 98 -8.52 -7.04 1.08
CA ARG A 98 -9.50 -8.01 1.55
C ARG A 98 -9.60 -7.91 3.07
N GLU A 99 -10.83 -7.85 3.55
CA GLU A 99 -11.13 -7.80 4.98
C GLU A 99 -12.02 -9.00 5.30
N ARG A 100 -11.65 -9.76 6.32
CA ARG A 100 -12.44 -10.95 6.67
C ARG A 100 -13.67 -10.63 7.50
N GLY A 101 -14.30 -9.46 7.31
CA GLY A 101 -15.44 -9.12 8.14
C GLY A 101 -15.11 -8.83 9.59
N ASP A 102 -13.84 -8.69 9.93
CA ASP A 102 -13.45 -8.36 11.30
C ASP A 102 -12.69 -7.04 11.37
N GLY A 103 -12.81 -6.19 10.34
CA GLY A 103 -12.50 -4.77 10.45
C GLY A 103 -11.12 -4.35 9.97
N TYR A 104 -10.17 -5.27 9.79
CA TYR A 104 -8.82 -4.90 9.37
C TYR A 104 -8.54 -5.46 7.99
N PHE A 105 -7.63 -4.80 7.27
CA PHE A 105 -7.28 -5.19 5.91
C PHE A 105 -6.09 -6.13 5.98
N ALA A 106 -6.38 -7.42 6.01
CA ALA A 106 -5.33 -8.41 6.23
C ALA A 106 -4.34 -8.43 5.07
N VAL A 107 -4.81 -8.21 3.85
CA VAL A 107 -3.96 -8.27 2.67
C VAL A 107 -4.44 -7.24 1.64
N TRP A 108 -3.49 -6.67 0.91
CA TRP A 108 -3.68 -5.63 -0.09
C TRP A 108 -3.14 -6.09 -1.44
N GLY A 109 -3.79 -5.67 -2.51
CA GLY A 109 -3.22 -5.83 -3.83
C GLY A 109 -2.07 -4.86 -4.03
N ALA A 110 -1.40 -4.97 -5.17
CA ALA A 110 -0.23 -4.15 -5.46
C ALA A 110 -0.61 -2.77 -5.97
N GLY A 111 -1.85 -2.60 -6.42
CA GLY A 111 -2.32 -1.29 -6.80
C GLY A 111 -2.24 -1.05 -8.30
N THR A 112 -3.25 -0.39 -8.85
CA THR A 112 -3.27 0.00 -10.25
C THR A 112 -3.06 1.50 -10.32
N THR A 113 -1.98 1.92 -10.99
CA THR A 113 -1.73 3.32 -11.26
C THR A 113 -2.64 3.76 -12.40
N VAL A 114 -3.59 4.63 -12.09
CA VAL A 114 -4.48 5.20 -13.10
C VAL A 114 -4.00 6.60 -13.37
N THR A 115 -3.73 6.89 -14.65
CA THR A 115 -3.36 8.21 -15.15
C THR A 115 -4.46 8.73 -16.05
N VAL A 116 -4.97 9.92 -15.76
CA VAL A 116 -5.99 10.54 -16.59
C VAL A 116 -5.32 11.62 -17.43
N SER A 117 -5.25 11.39 -18.74
CA SER A 117 -4.51 12.29 -19.62
C SER A 117 -4.90 11.98 -21.06
N SER A 118 -4.78 12.98 -21.93
CA SER A 118 -5.02 12.79 -23.35
C SER A 118 -3.77 12.35 -24.10
N ALA A 119 -2.61 12.38 -23.46
CA ALA A 119 -1.34 12.02 -24.10
C ALA A 119 -1.32 10.53 -24.46
N LYS A 120 -0.35 10.17 -25.28
CA LYS A 120 -0.30 8.85 -25.90
C LYS A 120 0.62 7.91 -25.12
N THR A 121 0.20 6.65 -25.02
CA THR A 121 1.05 5.63 -24.42
C THR A 121 2.35 5.49 -25.20
N THR A 122 3.48 5.51 -24.49
CA THR A 122 4.80 5.39 -25.11
C THR A 122 5.70 4.47 -24.31
N PRO A 123 6.20 3.38 -24.90
CA PRO A 123 7.11 2.49 -24.17
C PRO A 123 8.46 3.16 -24.00
N PRO A 124 9.24 2.73 -23.03
CA PRO A 124 10.51 3.40 -22.76
C PRO A 124 11.61 2.92 -23.70
N SER A 125 12.62 3.79 -23.88
CA SER A 125 13.90 3.37 -24.40
C SER A 125 14.82 3.12 -23.22
N VAL A 126 15.55 2.01 -23.25
CA VAL A 126 16.41 1.61 -22.13
C VAL A 126 17.86 1.60 -22.61
N TYR A 127 18.69 2.43 -21.99
CA TYR A 127 20.09 2.55 -22.38
C TYR A 127 21.00 2.15 -21.22
N PRO A 128 22.15 1.55 -21.52
CA PRO A 128 23.09 1.19 -20.45
C PRO A 128 23.87 2.39 -19.92
N LEU A 129 24.34 2.23 -18.68
CA LEU A 129 25.16 3.23 -18.01
C LEU A 129 26.35 2.46 -17.44
N ALA A 130 27.45 2.44 -18.20
CA ALA A 130 28.69 1.82 -17.78
C ALA A 130 29.78 2.90 -17.73
N PRO A 131 30.77 2.75 -16.85
CA PRO A 131 31.75 3.82 -16.67
C PRO A 131 32.59 4.02 -17.92
N GLY A 132 33.01 5.26 -18.13
CA GLY A 132 33.98 5.56 -19.17
C GLY A 132 35.34 4.94 -18.86
N SER A 133 36.23 5.01 -19.85
CA SER A 133 37.49 4.27 -19.77
C SER A 133 38.47 4.87 -18.77
N ALA A 134 38.27 6.11 -18.34
CA ALA A 134 39.18 6.75 -17.38
C ALA A 134 38.67 6.70 -15.95
N ALA A 135 37.45 6.21 -15.71
CA ALA A 135 36.98 6.08 -14.34
C ALA A 135 37.78 5.01 -13.61
N GLN A 136 38.14 5.29 -12.36
CA GLN A 136 38.81 4.33 -11.50
C GLN A 136 37.78 3.70 -10.55
N THR A 137 38.11 2.51 -10.04
CA THR A 137 37.20 1.77 -9.18
C THR A 137 37.88 1.41 -7.87
N ASN A 138 37.04 1.16 -6.86
CA ASN A 138 37.52 0.66 -5.57
C ASN A 138 37.02 -0.77 -5.38
N SER A 139 36.61 -1.12 -4.16
CA SER A 139 36.06 -2.45 -3.94
C SER A 139 34.74 -2.66 -4.68
N MET A 140 34.07 -1.59 -5.10
CA MET A 140 32.76 -1.68 -5.75
C MET A 140 32.79 -0.93 -7.07
N VAL A 141 31.88 -1.31 -7.95
CA VAL A 141 31.64 -0.57 -9.19
C VAL A 141 30.14 -0.25 -9.27
N THR A 142 29.82 0.94 -9.79
CA THR A 142 28.44 1.37 -9.94
C THR A 142 28.06 1.38 -11.41
N LEU A 143 26.92 0.78 -11.73
CA LEU A 143 26.39 0.66 -13.07
C LEU A 143 24.96 1.16 -13.04
N GLY A 144 24.36 1.33 -14.22
CA GLY A 144 22.99 1.79 -14.21
C GLY A 144 22.28 1.54 -15.52
N CYS A 145 21.01 1.91 -15.53
CA CYS A 145 20.29 1.95 -16.79
C CYS A 145 19.36 3.16 -16.80
N LEU A 146 19.25 3.76 -17.99
CA LEU A 146 18.52 5.00 -18.22
C LEU A 146 17.24 4.63 -18.96
N VAL A 147 16.10 4.88 -18.34
CA VAL A 147 14.78 4.56 -18.86
C VAL A 147 14.13 5.87 -19.26
N LYS A 148 14.05 6.12 -20.57
CA LYS A 148 13.80 7.46 -21.08
C LYS A 148 12.59 7.46 -22.01
N GLY A 149 11.79 8.52 -21.92
CA GLY A 149 10.74 8.78 -22.88
C GLY A 149 9.56 7.84 -22.84
N TYR A 150 9.02 7.56 -21.65
CA TYR A 150 7.86 6.68 -21.53
C TYR A 150 6.68 7.44 -20.95
N PHE A 151 5.49 6.86 -21.16
CA PHE A 151 4.24 7.42 -20.65
C PHE A 151 3.18 6.35 -20.72
N PRO A 152 2.34 6.18 -19.69
CA PRO A 152 2.45 6.89 -18.42
C PRO A 152 3.28 6.10 -17.41
N GLU A 153 3.33 6.59 -16.17
CA GLU A 153 3.84 5.79 -15.06
C GLU A 153 2.98 4.56 -14.86
N PRO A 154 3.53 3.51 -14.23
CA PRO A 154 4.91 3.40 -13.75
C PRO A 154 5.79 2.52 -14.62
N VAL A 155 7.08 2.47 -14.30
CA VAL A 155 7.94 1.39 -14.74
C VAL A 155 8.43 0.68 -13.49
N THR A 156 8.66 -0.62 -13.64
CA THR A 156 9.31 -1.45 -12.62
C THR A 156 10.68 -1.86 -13.15
N VAL A 157 11.73 -1.52 -12.41
CA VAL A 157 13.10 -1.85 -12.79
C VAL A 157 13.63 -2.87 -11.80
N THR A 158 14.06 -4.01 -12.32
CA THR A 158 14.75 -5.02 -11.52
C THR A 158 16.14 -5.26 -12.09
N TRP A 159 16.98 -5.92 -11.31
CA TRP A 159 18.34 -6.23 -11.72
C TRP A 159 18.54 -7.74 -11.67
N ASN A 160 19.00 -8.30 -12.80
CA ASN A 160 19.16 -9.74 -12.98
C ASN A 160 17.89 -10.50 -12.60
N SER A 161 16.78 -10.07 -13.19
CA SER A 161 15.47 -10.70 -12.99
C SER A 161 15.10 -10.83 -11.52
N GLY A 162 15.52 -9.87 -10.70
CA GLY A 162 15.15 -9.80 -9.31
C GLY A 162 16.15 -10.37 -8.34
N SER A 163 17.12 -11.16 -8.82
CA SER A 163 18.10 -11.78 -7.93
C SER A 163 19.05 -10.78 -7.31
N LEU A 164 19.23 -9.60 -7.92
CA LEU A 164 20.16 -8.58 -7.45
C LEU A 164 19.35 -7.45 -6.84
N SER A 165 19.34 -7.37 -5.52
CA SER A 165 18.51 -6.41 -4.80
C SER A 165 19.31 -5.52 -3.87
N SER A 166 20.32 -6.06 -3.22
CA SER A 166 21.23 -5.23 -2.44
C SER A 166 21.98 -4.29 -3.37
N GLY A 167 22.05 -3.01 -3.02
CA GLY A 167 22.80 -2.05 -3.79
C GLY A 167 22.05 -1.39 -4.93
N VAL A 168 20.72 -1.41 -4.93
CA VAL A 168 19.90 -0.86 -6.00
C VAL A 168 19.16 0.38 -5.49
N HIS A 169 19.26 1.49 -6.25
CA HIS A 169 18.31 2.60 -6.14
C HIS A 169 17.66 2.84 -7.49
N THR A 170 16.38 3.17 -7.48
CA THR A 170 15.71 3.63 -8.68
C THR A 170 15.14 5.01 -8.35
N PHE A 171 15.51 5.98 -9.14
CA PHE A 171 15.16 7.37 -8.86
C PHE A 171 13.73 7.64 -9.32
N PRO A 172 13.03 8.55 -8.64
CA PRO A 172 11.72 8.99 -9.14
C PRO A 172 11.83 9.52 -10.56
N ALA A 173 10.81 9.24 -11.36
CA ALA A 173 10.77 9.77 -12.71
C ALA A 173 10.60 11.29 -12.69
N VAL A 174 11.13 11.94 -13.72
CA VAL A 174 10.84 13.35 -13.99
C VAL A 174 10.02 13.42 -15.27
N LEU A 175 9.08 14.35 -15.32
CA LEU A 175 8.14 14.49 -16.43
C LEU A 175 8.49 15.73 -17.25
N GLN A 176 8.65 15.55 -18.56
CA GLN A 176 8.92 16.66 -19.46
C GLN A 176 8.35 16.33 -20.82
N SER A 177 7.63 17.29 -21.40
CA SER A 177 7.09 17.15 -22.75
C SER A 177 6.23 15.88 -22.86
N ASP A 178 5.43 15.63 -21.83
CA ASP A 178 4.52 14.48 -21.77
C ASP A 178 5.27 13.15 -21.83
N LEU A 179 6.53 13.13 -21.39
CA LEU A 179 7.29 11.89 -21.31
C LEU A 179 8.07 11.83 -20.00
N TYR A 180 8.13 10.65 -19.41
CA TYR A 180 8.85 10.45 -18.16
C TYR A 180 10.26 9.91 -18.42
N THR A 181 11.17 10.18 -17.50
CA THR A 181 12.51 9.59 -17.54
C THR A 181 13.00 9.33 -16.14
N LEU A 182 13.63 8.17 -15.94
CA LEU A 182 14.34 7.89 -14.70
C LEU A 182 15.57 7.05 -15.00
N SER A 183 16.39 6.86 -13.97
CA SER A 183 17.51 5.94 -14.05
C SER A 183 17.49 5.05 -12.82
N SER A 184 18.11 3.89 -12.95
CA SER A 184 18.30 2.96 -11.86
C SER A 184 19.78 2.67 -11.74
N SER A 185 20.26 2.60 -10.50
CA SER A 185 21.66 2.43 -10.15
C SER A 185 21.83 1.13 -9.37
N VAL A 186 22.92 0.41 -9.66
CA VAL A 186 23.24 -0.86 -9.00
C VAL A 186 24.72 -0.89 -8.73
N THR A 187 25.09 -1.38 -7.55
CA THR A 187 26.48 -1.41 -7.13
C THR A 187 26.85 -2.86 -6.82
N VAL A 188 27.94 -3.34 -7.41
CA VAL A 188 28.38 -4.72 -7.16
C VAL A 188 29.87 -4.70 -6.85
N PRO A 189 30.40 -5.78 -6.28
CA PRO A 189 31.85 -5.84 -6.10
C PRO A 189 32.54 -5.72 -7.45
N SER A 190 33.53 -4.81 -7.50
CA SER A 190 34.20 -4.52 -8.77
C SER A 190 34.87 -5.76 -9.35
N SER A 191 35.37 -6.65 -8.49
CA SER A 191 35.98 -7.89 -8.98
C SER A 191 34.99 -8.75 -9.75
N SER A 192 33.68 -8.63 -9.47
CA SER A 192 32.69 -9.54 -10.02
C SER A 192 32.12 -9.11 -11.36
N TRP A 193 32.33 -7.87 -11.79
CA TRP A 193 31.86 -7.46 -13.11
C TRP A 193 33.05 -7.09 -13.99
N PRO A 194 33.05 -7.46 -15.28
CA PRO A 194 31.96 -8.10 -16.04
C PRO A 194 31.94 -9.63 -16.03
N SER A 195 32.76 -10.27 -15.20
CA SER A 195 32.81 -11.73 -15.22
C SER A 195 31.45 -12.34 -14.89
N GLU A 196 30.76 -11.78 -13.90
CA GLU A 196 29.37 -12.13 -13.61
C GLU A 196 28.46 -11.08 -14.24
N THR A 197 27.49 -11.54 -15.03
CA THR A 197 26.69 -10.63 -15.84
C THR A 197 25.77 -9.77 -14.99
N VAL A 198 25.42 -8.60 -15.52
CA VAL A 198 24.53 -7.64 -14.87
C VAL A 198 23.58 -7.07 -15.92
N THR A 199 22.28 -7.31 -15.74
CA THR A 199 21.24 -6.92 -16.69
C THR A 199 20.12 -6.20 -15.96
N CYS A 200 19.61 -5.13 -16.54
CA CYS A 200 18.43 -4.48 -15.98
C CYS A 200 17.20 -4.95 -16.75
N ASN A 201 16.10 -5.15 -16.04
CA ASN A 201 14.81 -5.54 -16.61
C ASN A 201 13.81 -4.44 -16.33
N VAL A 202 13.24 -3.89 -17.39
CA VAL A 202 12.37 -2.72 -17.32
C VAL A 202 11.00 -3.14 -17.82
N ALA A 203 10.03 -3.21 -16.91
CA ALA A 203 8.64 -3.49 -17.24
C ALA A 203 7.84 -2.20 -17.28
N HIS A 204 7.12 -1.98 -18.38
CA HIS A 204 6.19 -0.87 -18.54
C HIS A 204 4.81 -1.48 -18.75
N PRO A 205 3.98 -1.54 -17.70
CA PRO A 205 2.70 -2.27 -17.81
C PRO A 205 1.71 -1.62 -18.76
N ALA A 206 1.65 -0.28 -18.81
CA ALA A 206 0.70 0.39 -19.69
C ALA A 206 0.95 0.09 -21.15
N SER A 207 2.19 -0.27 -21.50
CA SER A 207 2.51 -0.70 -22.86
C SER A 207 2.61 -2.21 -22.96
N SER A 208 2.39 -2.93 -21.86
CA SER A 208 2.60 -4.37 -21.78
C SER A 208 3.95 -4.77 -22.35
N THR A 209 5.01 -4.01 -22.02
CA THR A 209 6.33 -4.36 -22.50
C THR A 209 7.28 -4.63 -21.34
N LYS A 210 8.26 -5.49 -21.60
CA LYS A 210 9.30 -5.82 -20.64
C LYS A 210 10.58 -6.03 -21.42
N VAL A 211 11.57 -5.17 -21.21
CA VAL A 211 12.81 -5.24 -22.00
C VAL A 211 14.00 -5.42 -21.07
N ASP A 212 15.00 -6.13 -21.59
CA ASP A 212 16.25 -6.36 -20.89
C ASP A 212 17.35 -5.52 -21.51
N LYS A 213 18.34 -5.15 -20.70
CA LYS A 213 19.56 -4.52 -21.23
C LYS A 213 20.74 -4.98 -20.37
N LYS A 214 21.62 -5.75 -21.00
CA LYS A 214 22.88 -6.13 -20.38
C LYS A 214 23.82 -4.93 -20.32
N ILE A 215 24.48 -4.77 -19.19
CA ILE A 215 25.47 -3.71 -18.99
C ILE A 215 26.85 -4.32 -19.24
N VAL A 216 27.45 -3.98 -20.38
CA VAL A 216 28.76 -4.50 -20.73
C VAL A 216 29.76 -3.34 -20.70
N PRO A 217 31.02 -3.58 -20.35
CA PRO A 217 31.98 -2.48 -20.31
C PRO A 217 32.15 -1.85 -21.69
N ARG A 218 32.50 -0.57 -21.69
CA ARG A 218 33.02 0.09 -22.90
C ARG A 218 34.45 -0.40 -23.10
N ASP A 219 34.62 -1.38 -23.98
CA ASP A 219 35.89 -2.08 -24.08
C ASP A 219 36.53 -1.92 -25.47
N ASP B 1 -18.54 10.62 11.47
CA ASP B 1 -17.43 9.81 10.95
C ASP B 1 -16.19 10.05 11.79
N ILE B 2 -15.44 9.00 12.09
CA ILE B 2 -14.39 9.09 13.10
C ILE B 2 -13.13 9.66 12.48
N LEU B 3 -12.64 10.77 13.04
CA LEU B 3 -11.40 11.37 12.61
C LEU B 3 -10.24 10.78 13.41
N LEU B 4 -9.22 10.31 12.71
CA LEU B 4 -8.01 9.80 13.33
C LEU B 4 -6.88 10.80 13.09
N THR B 5 -6.40 11.42 14.17
CA THR B 5 -5.33 12.41 14.11
C THR B 5 -4.01 11.72 14.43
N GLN B 6 -3.08 11.73 13.47
CA GLN B 6 -1.72 11.24 13.67
C GLN B 6 -0.77 12.45 13.68
N SER B 7 -0.18 12.74 14.84
CA SER B 7 0.68 13.92 14.94
C SER B 7 1.72 13.59 16.00
N PRO B 8 3.01 13.86 15.74
CA PRO B 8 3.51 14.59 14.57
C PRO B 8 3.52 13.80 13.28
N ALA B 9 3.49 14.54 12.17
CA ALA B 9 3.44 13.95 10.85
C ALA B 9 4.77 13.34 10.43
N ILE B 10 5.86 13.73 11.09
CA ILE B 10 7.19 13.22 10.83
C ILE B 10 7.87 12.94 12.16
N LEU B 11 8.49 11.78 12.30
CA LEU B 11 9.27 11.44 13.48
C LEU B 11 10.69 11.12 13.06
N SER B 12 11.66 11.76 13.70
CA SER B 12 13.08 11.54 13.44
C SER B 12 13.70 10.94 14.68
N VAL B 13 14.48 9.87 14.49
CA VAL B 13 14.99 9.08 15.60
C VAL B 13 16.37 8.57 15.23
N SER B 14 17.19 8.26 16.25
CA SER B 14 18.49 7.71 15.92
C SER B 14 18.41 6.19 15.89
N PRO B 15 19.31 5.53 15.14
CA PRO B 15 19.22 4.07 15.03
C PRO B 15 19.29 3.41 16.39
N GLY B 16 18.51 2.34 16.55
CA GLY B 16 18.50 1.58 17.78
C GLY B 16 17.61 2.13 18.88
N GLU B 17 17.01 3.29 18.69
CA GLU B 17 16.15 3.88 19.71
C GLU B 17 14.73 3.35 19.61
N ARG B 18 13.97 3.53 20.68
CA ARG B 18 12.54 3.23 20.68
C ARG B 18 11.77 4.43 20.14
N VAL B 19 10.78 4.15 19.30
CA VAL B 19 9.97 5.22 18.71
C VAL B 19 8.51 4.87 18.92
N SER B 20 7.69 5.92 19.07
CA SER B 20 6.25 5.76 19.30
C SER B 20 5.48 6.73 18.41
N PHE B 21 4.58 6.16 17.61
CA PHE B 21 3.64 6.89 16.78
C PHE B 21 2.32 7.02 17.54
N SER B 22 1.72 8.20 17.44
CA SER B 22 0.48 8.52 18.14
C SER B 22 -0.70 8.50 17.17
N CYS B 23 -1.83 7.97 17.64
CA CYS B 23 -3.08 7.98 16.88
C CYS B 23 -4.19 8.33 17.86
N ARG B 24 -4.91 9.41 17.58
CA ARG B 24 -5.95 9.89 18.46
C ARG B 24 -7.29 9.90 17.72
N ALA B 25 -8.30 9.26 18.31
CA ALA B 25 -9.63 9.18 17.72
C ALA B 25 -10.54 10.29 18.26
N SER B 26 -11.37 10.84 17.38
CA SER B 26 -12.29 11.89 17.76
C SER B 26 -13.41 11.38 18.67
N GLN B 27 -13.59 10.08 18.80
CA GLN B 27 -14.46 9.56 19.83
C GLN B 27 -13.93 8.20 20.29
N SER B 28 -14.48 7.71 21.39
CA SER B 28 -13.99 6.49 22.01
C SER B 28 -14.32 5.28 21.14
N ILE B 29 -13.32 4.45 20.84
CA ILE B 29 -13.53 3.36 19.89
C ILE B 29 -12.96 2.02 20.38
N GLY B 30 -12.95 1.83 21.69
CA GLY B 30 -12.44 0.60 22.30
C GLY B 30 -11.00 0.35 21.88
N THR B 31 -10.75 -0.82 21.31
CA THR B 31 -9.44 -1.14 20.76
C THR B 31 -9.52 -1.45 19.27
N ASP B 32 -10.53 -0.88 18.60
CA ASP B 32 -10.75 -1.14 17.18
C ASP B 32 -9.85 -0.29 16.29
N ILE B 33 -8.54 -0.33 16.53
CA ILE B 33 -7.58 0.41 15.73
C ILE B 33 -6.56 -0.59 15.19
N HIS B 34 -6.18 -0.42 13.93
CA HIS B 34 -5.20 -1.27 13.26
C HIS B 34 -4.12 -0.39 12.63
N TRP B 35 -2.90 -0.91 12.60
CA TRP B 35 -1.73 -0.16 12.14
C TRP B 35 -1.09 -0.84 10.95
N TYR B 36 -0.75 -0.01 9.92
CA TYR B 36 -0.15 -0.43 8.67
C TYR B 36 1.13 0.33 8.38
N GLN B 37 2.07 -0.36 7.74
CA GLN B 37 3.31 0.23 7.27
C GLN B 37 3.30 0.27 5.74
N GLN B 38 3.66 1.41 5.17
CA GLN B 38 3.80 1.52 3.72
C GLN B 38 5.16 2.12 3.43
N ARG B 39 6.05 1.30 2.85
CA ARG B 39 7.32 1.78 2.34
C ARG B 39 7.14 2.42 0.97
N THR B 40 8.14 3.21 0.58
CA THR B 40 8.14 3.89 -0.71
C THR B 40 7.84 2.92 -1.83
N ASN B 41 6.86 3.28 -2.67
CA ASN B 41 6.38 2.47 -3.81
C ASN B 41 5.82 1.10 -3.40
N GLY B 42 5.55 0.87 -2.13
CA GLY B 42 5.01 -0.39 -1.67
C GLY B 42 3.53 -0.30 -1.35
N SER B 43 2.94 -1.49 -1.18
CA SER B 43 1.58 -1.60 -0.67
C SER B 43 1.59 -1.48 0.85
N PRO B 44 0.49 -1.02 1.46
CA PRO B 44 0.40 -1.07 2.91
C PRO B 44 0.46 -2.52 3.41
N ARG B 45 1.01 -2.69 4.61
CA ARG B 45 1.18 -4.00 5.22
C ARG B 45 0.67 -3.92 6.65
N LEU B 46 -0.27 -4.80 7.01
CA LEU B 46 -0.79 -4.79 8.36
C LEU B 46 0.31 -5.15 9.35
N LEU B 47 0.43 -4.37 10.40
CA LEU B 47 1.43 -4.56 11.43
C LEU B 47 0.84 -5.01 12.75
N ILE B 48 -0.27 -4.38 13.12
CA ILE B 48 -0.88 -4.61 14.44
C ILE B 48 -2.38 -4.53 14.25
N LYS B 49 -3.12 -5.49 14.79
CA LYS B 49 -4.57 -5.43 14.74
C LYS B 49 -5.14 -5.25 16.14
N TYR B 50 -6.33 -4.66 16.20
CA TYR B 50 -7.05 -4.46 17.46
C TYR B 50 -6.14 -3.87 18.54
N ALA B 51 -5.38 -2.83 18.14
CA ALA B 51 -4.57 -1.98 19.00
C ALA B 51 -3.29 -2.64 19.51
N SER B 52 -3.32 -3.94 19.80
CA SER B 52 -2.14 -4.56 20.41
C SER B 52 -1.84 -5.97 19.92
N GLU B 53 -2.63 -6.54 19.02
CA GLU B 53 -2.48 -7.95 18.69
C GLU B 53 -1.43 -8.13 17.59
N SER B 54 -0.50 -9.05 17.83
CA SER B 54 0.56 -9.34 16.88
C SER B 54 0.01 -9.98 15.61
N ILE B 55 0.74 -9.75 14.53
CA ILE B 55 0.47 -10.32 13.21
C ILE B 55 1.62 -11.27 12.91
N SER B 56 1.30 -12.44 12.36
CA SER B 56 2.36 -13.40 12.05
C SER B 56 3.25 -12.85 10.95
N GLY B 57 4.56 -13.01 11.12
CA GLY B 57 5.51 -12.51 10.15
C GLY B 57 5.99 -11.10 10.39
N ILE B 58 5.41 -10.38 11.35
CA ILE B 58 5.82 -9.02 11.69
C ILE B 58 6.89 -9.13 12.77
N PRO B 59 8.01 -8.41 12.64
CA PRO B 59 9.03 -8.46 13.70
C PRO B 59 8.49 -8.09 15.06
N SER B 60 9.02 -8.76 16.09
CA SER B 60 8.57 -8.57 17.46
C SER B 60 8.97 -7.21 18.02
N ARG B 61 9.76 -6.43 17.30
CA ARG B 61 10.05 -5.06 17.70
C ARG B 61 8.81 -4.18 17.64
N PHE B 62 7.79 -4.57 16.87
CA PHE B 62 6.57 -3.80 16.73
C PHE B 62 5.57 -4.18 17.81
N SER B 63 5.05 -3.19 18.52
CA SER B 63 3.97 -3.44 19.46
C SER B 63 2.99 -2.28 19.40
N GLY B 64 1.83 -2.48 20.02
CA GLY B 64 0.83 -1.43 20.07
C GLY B 64 0.18 -1.41 21.44
N SER B 65 -0.36 -0.25 21.78
CA SER B 65 -1.01 -0.09 23.07
C SER B 65 -2.07 0.99 22.94
N GLY B 66 -2.87 1.11 23.99
CA GLY B 66 -3.88 2.13 24.10
C GLY B 66 -5.28 1.57 23.90
N SER B 67 -6.25 2.44 24.17
CA SER B 67 -7.66 2.09 24.05
C SER B 67 -8.45 3.37 24.28
N GLY B 68 -9.70 3.37 23.85
CA GLY B 68 -10.52 4.56 23.98
C GLY B 68 -10.29 5.52 22.82
N THR B 69 -9.58 6.63 23.08
CA THR B 69 -9.24 7.60 22.04
C THR B 69 -7.75 7.67 21.74
N ASP B 70 -6.89 7.10 22.57
CA ASP B 70 -5.45 7.30 22.45
C ASP B 70 -4.77 5.95 22.24
N PHE B 71 -3.97 5.89 21.17
CA PHE B 71 -3.34 4.66 20.71
C PHE B 71 -1.91 4.96 20.29
N THR B 72 -1.05 3.97 20.46
CA THR B 72 0.37 4.14 20.20
C THR B 72 0.88 2.90 19.49
N LEU B 73 1.57 3.13 18.38
CA LEU B 73 2.38 2.11 17.74
C LEU B 73 3.82 2.31 18.17
N SER B 74 4.50 1.26 18.57
CA SER B 74 5.86 1.42 19.06
C SER B 74 6.77 0.47 18.32
N ILE B 75 7.99 0.94 18.05
CA ILE B 75 9.09 0.13 17.55
C ILE B 75 10.20 0.17 18.59
N ASN B 76 10.56 -0.99 19.15
CA ASN B 76 11.80 -1.11 19.92
C ASN B 76 12.96 -1.21 18.95
N SER B 77 13.96 -0.35 19.13
CA SER B 77 15.17 -0.42 18.32
C SER B 77 14.92 -0.25 16.83
N VAL B 78 14.67 0.99 16.39
CA VAL B 78 14.42 1.22 14.97
C VAL B 78 15.65 0.87 14.16
N GLU B 79 15.42 0.28 13.00
CA GLU B 79 16.48 0.09 12.03
C GLU B 79 16.00 0.61 10.68
N SER B 80 16.91 0.55 9.70
CA SER B 80 16.68 1.24 8.42
C SER B 80 15.45 0.73 7.70
N GLU B 81 15.20 -0.58 7.78
CA GLU B 81 14.05 -1.15 7.09
C GLU B 81 12.74 -0.60 7.61
N ASP B 82 12.74 0.01 8.80
CA ASP B 82 11.52 0.59 9.35
C ASP B 82 11.16 1.94 8.73
N ILE B 83 12.00 2.50 7.86
CA ILE B 83 11.70 3.77 7.22
C ILE B 83 10.52 3.58 6.28
N ALA B 84 9.46 4.36 6.50
CA ALA B 84 8.15 4.11 5.91
C ALA B 84 7.16 5.14 6.47
N ASN B 85 5.99 5.17 5.84
CA ASN B 85 4.83 5.85 6.38
C ASN B 85 3.99 4.87 7.18
N TYR B 86 3.44 5.34 8.30
CA TYR B 86 2.66 4.51 9.21
C TYR B 86 1.27 5.09 9.36
N TYR B 87 0.25 4.24 9.14
CA TYR B 87 -1.14 4.66 9.14
C TYR B 87 -1.93 3.89 10.18
N CYS B 88 -2.80 4.57 10.90
CA CYS B 88 -3.78 3.87 11.73
C CYS B 88 -5.13 3.87 11.03
N GLN B 89 -6.02 2.97 11.45
CA GLN B 89 -7.30 2.80 10.79
C GLN B 89 -8.30 2.24 11.79
N GLN B 90 -9.52 2.79 11.83
CA GLN B 90 -10.50 2.34 12.80
C GLN B 90 -11.61 1.55 12.13
N SER B 91 -12.11 0.55 12.86
CA SER B 91 -13.20 -0.30 12.41
C SER B 91 -14.36 -0.29 13.40
N ASN B 92 -14.45 0.71 14.27
CA ASN B 92 -15.46 0.71 15.32
C ASN B 92 -16.82 1.18 14.80
N ARG B 93 -16.83 2.14 13.87
CA ARG B 93 -18.06 2.68 13.33
C ARG B 93 -17.92 2.81 11.81
N TRP B 94 -19.06 2.70 11.10
CA TRP B 94 -19.07 2.86 9.66
C TRP B 94 -19.09 4.35 9.30
N PRO B 95 -18.30 4.79 8.32
CA PRO B 95 -17.35 4.01 7.53
C PRO B 95 -15.98 3.88 8.18
N PHE B 96 -15.23 2.84 7.81
CA PHE B 96 -13.84 2.72 8.23
C PHE B 96 -13.11 3.98 7.78
N THR B 97 -12.21 4.48 8.63
CA THR B 97 -11.42 5.67 8.30
C THR B 97 -9.95 5.40 8.61
N PHE B 98 -9.09 6.21 7.99
CA PHE B 98 -7.65 6.14 8.13
C PHE B 98 -7.12 7.44 8.72
N GLY B 99 -6.04 7.34 9.50
CA GLY B 99 -5.30 8.53 9.86
C GLY B 99 -4.48 9.04 8.69
N SER B 100 -3.90 10.23 8.85
CA SER B 100 -3.20 10.87 7.75
C SER B 100 -1.74 10.43 7.64
N GLY B 101 -1.26 9.59 8.54
CA GLY B 101 0.03 8.96 8.36
C GLY B 101 1.14 9.70 9.07
N THR B 102 2.12 8.96 9.57
CA THR B 102 3.34 9.51 10.14
C THR B 102 4.54 8.87 9.45
N LYS B 103 5.46 9.70 8.96
CA LYS B 103 6.69 9.24 8.34
C LYS B 103 7.77 9.02 9.40
N LEU B 104 8.46 7.88 9.33
CA LEU B 104 9.60 7.63 10.20
C LEU B 104 10.89 7.99 9.47
N GLU B 105 11.71 8.84 10.10
CA GLU B 105 13.04 9.22 9.60
C GLU B 105 14.11 8.82 10.59
N ILE B 106 15.26 8.36 10.10
CA ILE B 106 16.36 7.93 10.95
C ILE B 106 17.53 8.88 10.78
N LYS B 107 18.07 9.37 11.90
CA LYS B 107 19.24 10.26 11.92
C LYS B 107 20.50 9.42 12.01
N ARG B 108 21.16 9.19 10.89
CA ARG B 108 22.37 8.38 10.84
C ARG B 108 23.61 9.26 10.77
N ALA B 109 24.77 8.61 10.82
CA ALA B 109 26.04 9.32 10.70
C ALA B 109 26.15 9.98 9.32
N ASP B 110 26.86 11.10 9.26
CA ASP B 110 27.10 11.76 7.99
C ASP B 110 27.85 10.84 7.04
N ALA B 111 27.54 10.97 5.75
CA ALA B 111 28.21 10.16 4.73
C ALA B 111 28.39 10.99 3.48
N ALA B 112 29.62 11.04 2.97
CA ALA B 112 29.90 11.72 1.71
C ALA B 112 29.27 10.93 0.56
N PRO B 113 28.84 11.62 -0.49
CA PRO B 113 28.27 10.92 -1.64
C PRO B 113 29.33 10.16 -2.43
N THR B 114 28.91 9.04 -3.02
CA THR B 114 29.72 8.34 -4.00
C THR B 114 29.28 8.81 -5.38
N VAL B 115 30.18 9.46 -6.13
CA VAL B 115 29.81 10.12 -7.39
C VAL B 115 30.27 9.27 -8.56
N SER B 116 29.38 9.10 -9.53
CA SER B 116 29.70 8.36 -10.76
C SER B 116 29.16 9.15 -11.93
N ILE B 117 29.96 9.32 -12.97
CA ILE B 117 29.49 9.99 -14.18
C ILE B 117 29.50 8.96 -15.30
N PHE B 118 28.52 9.09 -16.20
CA PHE B 118 28.24 8.09 -17.23
C PHE B 118 28.07 8.82 -18.56
N PRO B 119 28.88 8.51 -19.55
CA PRO B 119 28.70 9.07 -20.89
C PRO B 119 27.46 8.48 -21.54
N PRO B 120 26.93 9.12 -22.57
CA PRO B 120 25.78 8.55 -23.28
C PRO B 120 26.12 7.19 -23.89
N SER B 121 25.07 6.43 -24.17
CA SER B 121 25.21 5.11 -24.76
C SER B 121 25.37 5.21 -26.27
N SER B 122 26.06 4.24 -26.85
CA SER B 122 26.05 4.09 -28.31
C SER B 122 24.62 4.08 -28.82
N GLU B 123 23.76 3.29 -28.17
CA GLU B 123 22.38 3.15 -28.60
C GLU B 123 21.66 4.49 -28.62
N GLN B 124 21.85 5.31 -27.59
CA GLN B 124 21.18 6.60 -27.58
C GLN B 124 21.74 7.51 -28.66
N LEU B 125 23.06 7.45 -28.89
CA LEU B 125 23.66 8.31 -29.90
C LEU B 125 23.13 7.98 -31.30
N THR B 126 22.99 6.69 -31.63
CA THR B 126 22.38 6.32 -32.90
C THR B 126 20.96 6.87 -33.06
N SER B 127 20.34 7.37 -32.00
CA SER B 127 19.00 7.92 -32.07
C SER B 127 18.99 9.45 -32.14
N GLY B 128 20.16 10.08 -32.14
CA GLY B 128 20.23 11.53 -32.23
C GLY B 128 20.20 12.26 -30.91
N GLY B 129 20.18 11.55 -29.78
CA GLY B 129 20.21 12.18 -28.48
C GLY B 129 21.39 11.75 -27.62
N ALA B 130 21.68 12.52 -26.57
CA ALA B 130 22.75 12.15 -25.65
C ALA B 130 22.40 12.66 -24.27
N SER B 131 22.24 11.74 -23.32
CA SER B 131 22.12 12.09 -21.91
C SER B 131 23.39 11.67 -21.19
N VAL B 132 23.98 12.60 -20.46
CA VAL B 132 25.09 12.34 -19.55
C VAL B 132 24.50 12.23 -18.16
N VAL B 133 24.79 11.13 -17.47
CA VAL B 133 24.11 10.82 -16.22
C VAL B 133 25.12 10.86 -15.09
N CYS B 134 24.78 11.52 -13.99
CA CYS B 134 25.61 11.54 -12.81
C CYS B 134 24.82 11.05 -11.61
N PHE B 135 25.37 10.07 -10.88
CA PHE B 135 24.79 9.59 -9.63
C PHE B 135 25.58 10.14 -8.46
N LEU B 136 24.86 10.70 -7.48
CA LEU B 136 25.40 11.08 -6.18
C LEU B 136 24.71 10.13 -5.18
N ASN B 137 25.39 9.05 -4.79
CA ASN B 137 24.73 7.94 -4.11
C ASN B 137 25.13 7.82 -2.65
N ASN B 138 24.15 7.45 -1.82
CA ASN B 138 24.34 7.01 -0.45
C ASN B 138 25.04 8.05 0.41
N PHE B 139 24.50 9.25 0.40
CA PHE B 139 25.01 10.34 1.22
C PHE B 139 24.02 10.71 2.32
N TYR B 140 24.53 11.45 3.33
CA TYR B 140 23.70 11.95 4.43
C TYR B 140 24.39 13.14 5.08
N PRO B 141 23.69 14.26 5.33
CA PRO B 141 22.24 14.52 5.14
C PRO B 141 21.78 14.70 3.69
N LYS B 142 20.47 14.96 3.52
CA LYS B 142 19.89 14.97 2.19
C LYS B 142 20.32 16.20 1.38
N ASP B 143 20.63 17.30 2.06
CA ASP B 143 21.03 18.51 1.35
C ASP B 143 22.30 18.27 0.57
N ILE B 144 22.25 18.56 -0.74
CA ILE B 144 23.42 18.43 -1.61
C ILE B 144 23.18 19.29 -2.83
N ASN B 145 24.27 19.70 -3.49
CA ASN B 145 24.13 20.43 -4.75
C ASN B 145 25.01 19.81 -5.82
N VAL B 146 24.51 19.83 -7.04
CA VAL B 146 25.21 19.33 -8.22
C VAL B 146 25.42 20.47 -9.19
N LYS B 147 26.57 20.46 -9.84
CA LYS B 147 26.96 21.50 -10.79
C LYS B 147 27.60 20.84 -12.00
N TRP B 148 27.09 21.17 -13.18
CA TRP B 148 27.65 20.66 -14.42
C TRP B 148 28.62 21.69 -15.01
N LYS B 149 29.70 21.19 -15.60
CA LYS B 149 30.59 22.01 -16.44
C LYS B 149 30.82 21.29 -17.76
N ILE B 150 30.78 22.04 -18.85
CA ILE B 150 31.18 21.55 -20.16
C ILE B 150 32.38 22.37 -20.62
N ASP B 151 33.44 21.67 -21.00
CA ASP B 151 34.74 22.28 -21.32
C ASP B 151 35.10 23.37 -20.32
N GLY B 152 34.92 23.04 -19.04
CA GLY B 152 35.34 23.93 -17.98
C GLY B 152 34.40 25.08 -17.65
N SER B 153 33.31 25.25 -18.38
CA SER B 153 32.38 26.34 -18.12
C SER B 153 31.03 25.81 -17.63
N GLU B 154 30.49 26.46 -16.60
CA GLU B 154 29.27 25.99 -15.94
C GLU B 154 28.11 25.87 -16.93
N ARG B 155 27.31 24.82 -16.74
CA ARG B 155 26.16 24.51 -17.58
C ARG B 155 24.93 24.40 -16.70
N GLN B 156 23.81 24.99 -17.14
CA GLN B 156 22.59 24.99 -16.33
C GLN B 156 21.38 24.51 -17.12
N ASN B 157 21.40 24.66 -18.43
CA ASN B 157 20.28 24.25 -19.27
C ASN B 157 20.34 22.76 -19.57
N GLY B 158 19.16 22.13 -19.62
CA GLY B 158 19.07 20.72 -19.92
C GLY B 158 19.39 19.78 -18.79
N VAL B 159 19.52 20.29 -17.56
CA VAL B 159 19.81 19.49 -16.39
C VAL B 159 18.50 19.19 -15.66
N LEU B 160 18.23 17.90 -15.41
CA LEU B 160 17.10 17.47 -14.63
C LEU B 160 17.59 16.63 -13.45
N ASN B 161 17.17 16.97 -12.25
CA ASN B 161 17.59 16.29 -11.04
C ASN B 161 16.44 15.50 -10.42
N SER B 162 16.78 14.44 -9.69
CA SER B 162 15.77 13.64 -8.98
C SER B 162 16.40 13.06 -7.72
N TRP B 163 15.73 13.24 -6.58
CA TRP B 163 16.18 12.72 -5.29
C TRP B 163 15.32 11.53 -4.88
N THR B 164 15.96 10.50 -4.31
CA THR B 164 15.24 9.44 -3.65
C THR B 164 14.77 9.89 -2.27
N ASP B 165 13.73 9.22 -1.77
CA ASP B 165 13.41 9.25 -0.36
C ASP B 165 14.49 8.53 0.42
N GLN B 166 14.46 8.67 1.75
CA GLN B 166 15.48 8.02 2.55
C GLN B 166 15.46 6.52 2.31
N ASP B 167 16.65 5.94 2.26
CA ASP B 167 16.85 4.56 1.82
C ASP B 167 16.47 3.59 2.94
N SER B 168 15.53 2.68 2.65
CA SER B 168 15.14 1.68 3.64
C SER B 168 16.25 0.69 3.96
N LYS B 169 17.42 0.75 3.31
CA LYS B 169 18.47 -0.19 3.65
C LYS B 169 19.66 0.38 4.40
N ASP B 170 19.93 1.67 4.31
CA ASP B 170 21.06 2.23 5.05
C ASP B 170 20.81 3.65 5.57
N SER B 171 19.57 4.13 5.49
CA SER B 171 19.15 5.46 5.98
C SER B 171 19.82 6.60 5.24
N THR B 172 20.45 6.35 4.10
CA THR B 172 21.05 7.43 3.32
C THR B 172 20.06 7.96 2.29
N TYR B 173 20.47 8.98 1.57
CA TYR B 173 19.75 9.48 0.41
C TYR B 173 20.62 9.34 -0.82
N SER B 174 19.99 9.51 -1.99
CA SER B 174 20.70 9.45 -3.26
C SER B 174 20.02 10.41 -4.22
N MET B 175 20.77 10.83 -5.24
CA MET B 175 20.26 11.80 -6.19
C MET B 175 20.88 11.55 -7.55
N SER B 176 20.09 11.80 -8.58
CA SER B 176 20.56 11.68 -9.97
C SER B 176 20.47 13.05 -10.62
N SER B 177 21.44 13.35 -11.48
CA SER B 177 21.44 14.57 -12.28
C SER B 177 21.70 14.16 -13.72
N THR B 178 20.78 14.52 -14.61
CA THR B 178 20.84 14.08 -16.00
C THR B 178 20.89 15.30 -16.90
N LEU B 179 21.97 15.43 -17.66
CA LEU B 179 22.13 16.49 -18.64
C LEU B 179 21.82 15.92 -20.02
N THR B 180 20.80 16.43 -20.68
CA THR B 180 20.38 15.90 -21.97
C THR B 180 20.60 16.94 -23.06
N LEU B 181 21.23 16.51 -24.16
CA LEU B 181 21.51 17.36 -25.31
C LEU B 181 21.21 16.59 -26.58
N THR B 182 21.12 17.33 -27.69
CA THR B 182 21.23 16.66 -28.98
C THR B 182 22.61 16.01 -29.08
N LYS B 183 22.70 14.97 -29.90
CA LYS B 183 24.03 14.46 -30.19
C LYS B 183 24.86 15.49 -30.94
N ASP B 184 24.22 16.34 -31.74
CA ASP B 184 24.93 17.46 -32.37
C ASP B 184 25.62 18.31 -31.31
N GLU B 185 24.83 18.88 -30.39
CA GLU B 185 25.39 19.70 -29.32
C GLU B 185 26.40 18.91 -28.50
N TYR B 186 26.16 17.60 -28.33
CA TYR B 186 27.06 16.79 -27.51
C TYR B 186 28.42 16.62 -28.18
N GLU B 187 28.43 16.45 -29.51
CA GLU B 187 29.66 16.20 -30.25
C GLU B 187 30.46 17.48 -30.51
N ARG B 188 29.88 18.66 -30.31
CA ARG B 188 30.61 19.92 -30.40
C ARG B 188 31.31 20.29 -29.09
N HIS B 189 31.44 19.36 -28.15
CA HIS B 189 32.17 19.62 -26.92
C HIS B 189 32.96 18.37 -26.56
N ASN B 190 33.90 18.52 -25.62
CA ASN B 190 34.81 17.43 -25.34
C ASN B 190 34.76 16.95 -23.89
N SER B 191 34.81 17.85 -22.92
CA SER B 191 34.92 17.49 -21.52
C SER B 191 33.60 17.74 -20.80
N TYR B 192 33.10 16.73 -20.11
CA TYR B 192 31.87 16.84 -19.35
C TYR B 192 32.15 16.52 -17.88
N THR B 193 31.62 17.35 -16.98
CA THR B 193 32.01 17.33 -15.59
C THR B 193 30.78 17.47 -14.70
N CYS B 194 30.71 16.60 -13.70
CA CYS B 194 29.70 16.62 -12.66
C CYS B 194 30.39 16.88 -11.33
N GLU B 195 29.88 17.85 -10.57
CA GLU B 195 30.53 18.28 -9.34
C GLU B 195 29.51 18.30 -8.21
N ALA B 196 29.83 17.66 -7.09
CA ALA B 196 28.91 17.47 -5.98
C ALA B 196 29.46 18.20 -4.77
N THR B 197 28.66 19.11 -4.22
CA THR B 197 29.00 19.80 -2.99
C THR B 197 28.09 19.31 -1.87
N HIS B 198 28.71 18.83 -0.80
CA HIS B 198 28.00 18.22 0.31
C HIS B 198 28.69 18.62 1.60
N LYS B 199 27.91 18.66 2.68
CA LYS B 199 28.39 19.11 3.98
C LYS B 199 29.59 18.31 4.48
N THR B 200 29.80 17.07 3.99
CA THR B 200 30.89 16.25 4.49
C THR B 200 32.28 16.73 4.06
N SER B 201 32.39 17.75 3.20
CA SER B 201 33.71 18.21 2.76
C SER B 201 33.59 19.59 2.14
N THR B 202 34.55 20.48 2.47
CA THR B 202 34.55 21.81 1.89
C THR B 202 34.86 21.78 0.39
N SER B 203 35.63 20.80 -0.06
CA SER B 203 35.93 20.66 -1.48
C SER B 203 34.86 19.81 -2.17
N PRO B 204 34.46 20.19 -3.38
CA PRO B 204 33.52 19.35 -4.12
C PRO B 204 34.15 18.04 -4.57
N ILE B 205 33.30 17.03 -4.76
CA ILE B 205 33.70 15.78 -5.38
C ILE B 205 33.43 15.90 -6.87
N VAL B 206 34.45 15.67 -7.69
CA VAL B 206 34.42 15.99 -9.11
C VAL B 206 34.61 14.71 -9.91
N LYS B 207 33.80 14.53 -10.96
CA LYS B 207 33.96 13.40 -11.87
C LYS B 207 33.75 13.92 -13.28
N SER B 208 34.66 13.59 -14.18
CA SER B 208 34.60 14.08 -15.55
C SER B 208 34.89 12.94 -16.51
N PHE B 209 34.58 13.18 -17.78
CA PHE B 209 35.00 12.31 -18.85
C PHE B 209 35.12 13.12 -20.13
N ASN B 210 36.04 12.69 -21.01
CA ASN B 210 36.26 13.33 -22.30
C ASN B 210 35.70 12.45 -23.41
N ARG B 211 34.96 13.08 -24.32
CA ARG B 211 34.36 12.34 -25.44
C ARG B 211 35.41 11.66 -26.31
N ASN B 212 36.67 12.03 -26.18
CA ASN B 212 37.78 11.42 -26.93
C ASN B 212 38.12 10.01 -26.42
N SER C 1 -38.17 -39.95 23.87
CA SER C 1 -38.49 -39.07 22.75
C SER C 1 -39.96 -38.61 22.76
N ALA C 2 -40.35 -37.95 23.84
CA ALA C 2 -41.65 -37.28 23.89
C ALA C 2 -41.63 -35.97 23.09
N LEU C 3 -42.82 -35.43 22.82
CA LEU C 3 -42.97 -34.30 21.92
C LEU C 3 -42.30 -33.04 22.47
N HIS C 4 -42.48 -32.74 23.76
CA HIS C 4 -41.94 -31.49 24.28
C HIS C 4 -40.42 -31.48 24.26
N TRP C 5 -39.78 -32.61 24.56
CA TRP C 5 -38.32 -32.65 24.49
C TRP C 5 -37.84 -32.51 23.05
N ARG C 6 -38.56 -33.13 22.12
CA ARG C 6 -38.19 -33.00 20.71
C ARG C 6 -38.29 -31.54 20.26
N ALA C 7 -39.38 -30.87 20.63
CA ALA C 7 -39.56 -29.49 20.23
C ALA C 7 -38.53 -28.58 20.90
N ALA C 8 -38.14 -28.89 22.13
CA ALA C 8 -37.03 -28.16 22.76
C ALA C 8 -35.75 -28.33 21.96
N GLY C 9 -35.44 -29.55 21.54
CA GLY C 9 -34.22 -29.76 20.77
C GLY C 9 -34.26 -29.02 19.44
N ALA C 10 -35.37 -29.14 18.73
CA ALA C 10 -35.56 -28.42 17.49
C ALA C 10 -35.43 -26.91 17.71
N ALA C 11 -35.99 -26.41 18.82
CA ALA C 11 -35.96 -24.98 19.09
C ALA C 11 -34.52 -24.52 19.29
N THR C 12 -33.75 -25.29 20.04
CA THR C 12 -32.34 -24.97 20.24
C THR C 12 -31.58 -24.90 18.92
N VAL C 13 -31.83 -25.89 18.05
CA VAL C 13 -31.13 -25.93 16.77
C VAL C 13 -31.49 -24.71 15.93
N LEU C 14 -32.80 -24.44 15.84
CA LEU C 14 -33.26 -23.30 15.06
C LEU C 14 -32.73 -21.99 15.64
N LEU C 15 -32.67 -21.88 16.95
CA LEU C 15 -32.17 -20.67 17.58
C LEU C 15 -30.71 -20.43 17.24
N VAL C 16 -29.89 -21.49 17.31
CA VAL C 16 -28.49 -21.36 16.89
C VAL C 16 -28.42 -20.89 15.44
N ILE C 17 -29.26 -21.47 14.57
CA ILE C 17 -29.26 -21.05 13.17
C ILE C 17 -29.65 -19.58 13.04
N VAL C 18 -30.65 -19.15 13.82
CA VAL C 18 -31.09 -17.77 13.81
C VAL C 18 -29.99 -16.84 14.31
N LEU C 19 -29.23 -17.25 15.33
CA LEU C 19 -28.13 -16.41 15.81
C LEU C 19 -27.09 -16.22 14.72
N LEU C 20 -26.74 -17.30 14.01
CA LEU C 20 -25.72 -17.20 12.97
C LEU C 20 -26.21 -16.34 11.81
N ALA C 21 -27.43 -16.61 11.32
CA ALA C 21 -27.96 -15.83 10.21
C ALA C 21 -28.20 -14.38 10.62
N GLY C 22 -28.70 -14.18 11.84
CA GLY C 22 -28.92 -12.83 12.31
C GLY C 22 -27.64 -12.03 12.37
N SER C 23 -26.57 -12.65 12.88
CA SER C 23 -25.26 -11.99 12.88
C SER C 23 -24.87 -11.55 11.48
N TYR C 24 -24.87 -12.51 10.54
CA TYR C 24 -24.43 -12.21 9.18
C TYR C 24 -25.28 -11.11 8.56
N LEU C 25 -26.60 -11.19 8.75
CA LEU C 25 -27.53 -10.27 8.11
C LEU C 25 -27.54 -8.90 8.78
N ALA C 26 -27.28 -8.84 10.08
CA ALA C 26 -27.17 -7.55 10.74
C ALA C 26 -25.97 -6.80 10.20
N VAL C 27 -24.83 -7.49 10.04
CA VAL C 27 -23.69 -6.80 9.45
C VAL C 27 -24.03 -6.30 8.05
N LEU C 28 -24.73 -7.14 7.26
CA LEU C 28 -25.09 -6.74 5.90
C LEU C 28 -26.04 -5.54 5.88
N ALA C 29 -26.98 -5.47 6.84
CA ALA C 29 -27.91 -4.34 6.89
C ALA C 29 -27.26 -3.06 7.43
N GLU C 30 -26.30 -3.17 8.35
CA GLU C 30 -25.82 -2.00 9.07
C GLU C 30 -24.66 -1.29 8.38
N ARG C 31 -23.84 -2.00 7.60
CA ARG C 31 -22.76 -1.33 6.87
C ARG C 31 -23.36 -0.42 5.82
N GLY C 32 -22.81 0.79 5.68
CA GLY C 32 -23.44 1.81 4.88
C GLY C 32 -24.27 2.80 5.65
N ALA C 33 -24.49 2.59 6.95
CA ALA C 33 -25.21 3.54 7.77
C ALA C 33 -24.18 4.25 8.64
N PRO C 34 -23.88 5.53 8.39
CA PRO C 34 -22.84 6.21 9.17
C PRO C 34 -23.15 6.16 10.66
N GLY C 35 -22.12 5.85 11.45
CA GLY C 35 -22.29 5.74 12.88
C GLY C 35 -22.62 4.35 13.38
N ALA C 36 -23.00 3.42 12.50
CA ALA C 36 -23.36 2.08 12.91
C ALA C 36 -22.17 1.34 13.51
N GLN C 37 -22.40 0.60 14.59
CA GLN C 37 -21.37 -0.21 15.23
C GLN C 37 -21.53 -1.70 15.00
N LEU C 38 -22.66 -2.16 14.48
CA LEU C 38 -22.94 -3.60 14.37
C LEU C 38 -22.48 -4.08 13.00
N ILE C 39 -21.16 -4.05 12.80
CA ILE C 39 -20.60 -4.08 11.45
C ILE C 39 -19.44 -5.05 11.27
N THR C 40 -19.05 -5.79 12.31
CA THR C 40 -18.12 -6.91 12.16
C THR C 40 -18.77 -8.15 12.77
N TYR C 41 -18.43 -9.34 12.23
CA TYR C 41 -19.20 -10.55 12.57
C TYR C 41 -19.00 -11.08 13.99
N PRO C 42 -17.79 -11.10 14.56
CA PRO C 42 -17.67 -11.61 15.93
C PRO C 42 -18.54 -10.85 16.92
N ARG C 43 -18.48 -9.52 16.92
CA ARG C 43 -19.30 -8.80 17.87
C ARG C 43 -20.77 -8.82 17.46
N ALA C 44 -21.07 -8.98 16.16
CA ALA C 44 -22.45 -9.18 15.74
C ALA C 44 -23.02 -10.48 16.31
N LEU C 45 -22.18 -11.52 16.41
CA LEU C 45 -22.63 -12.77 17.03
C LEU C 45 -22.91 -12.58 18.50
N TRP C 46 -22.01 -11.88 19.20
CA TRP C 46 -22.24 -11.51 20.59
C TRP C 46 -23.55 -10.73 20.76
N TRP C 47 -23.77 -9.74 19.89
CA TRP C 47 -25.01 -8.96 19.92
C TRP C 47 -26.23 -9.83 19.68
N SER C 48 -26.14 -10.81 18.78
CA SER C 48 -27.29 -11.66 18.54
C SER C 48 -27.62 -12.51 19.77
N VAL C 49 -26.59 -12.97 20.49
CA VAL C 49 -26.83 -13.70 21.73
C VAL C 49 -27.48 -12.79 22.78
N GLU C 50 -26.92 -11.58 22.97
CA GLU C 50 -27.55 -10.54 23.80
C GLU C 50 -29.01 -10.34 23.46
N THR C 51 -29.32 -10.27 22.18
CA THR C 51 -30.67 -9.95 21.75
C THR C 51 -31.61 -11.13 22.02
N ALA C 52 -31.15 -12.35 21.74
CA ALA C 52 -31.99 -13.55 21.90
C ALA C 52 -32.28 -13.85 23.37
N THR C 53 -31.33 -13.58 24.27
CA THR C 53 -31.54 -13.78 25.70
C THR C 53 -32.27 -12.62 26.37
N THR C 54 -32.40 -11.49 25.68
CA THR C 54 -32.90 -10.20 26.18
C THR C 54 -31.91 -9.53 27.14
N VAL C 55 -30.72 -10.11 27.36
CA VAL C 55 -29.71 -9.49 28.20
C VAL C 55 -29.00 -8.45 27.35
N ALA C 56 -29.65 -7.31 27.14
CA ALA C 56 -29.20 -6.33 26.18
C ALA C 56 -28.41 -5.25 26.93
N TYR C 57 -27.10 -5.44 27.01
CA TYR C 57 -26.26 -4.50 27.76
C TYR C 57 -26.23 -3.10 27.15
N GLY C 58 -26.59 -2.94 25.87
CA GLY C 58 -26.50 -1.66 25.24
C GLY C 58 -25.14 -1.31 24.65
N ASP C 59 -24.22 -2.27 24.56
CA ASP C 59 -22.95 -1.98 23.90
C ASP C 59 -23.10 -2.00 22.39
N LEU C 60 -24.11 -2.69 21.85
CA LEU C 60 -24.30 -2.79 20.41
C LEU C 60 -25.77 -2.85 20.10
N TYR C 61 -26.17 -2.17 19.01
CA TYR C 61 -27.56 -2.28 18.57
C TYR C 61 -27.67 -1.76 17.14
N PRO C 62 -28.66 -2.21 16.39
CA PRO C 62 -28.81 -1.75 15.00
C PRO C 62 -29.42 -0.36 14.95
N VAL C 63 -28.98 0.41 13.96
CA VAL C 63 -29.58 1.72 13.69
C VAL C 63 -30.43 1.74 12.42
N THR C 64 -30.35 0.72 11.56
CA THR C 64 -31.13 0.78 10.32
C THR C 64 -32.46 0.04 10.45
N LEU C 65 -33.35 0.28 9.49
CA LEU C 65 -34.62 -0.43 9.44
C LEU C 65 -34.42 -1.94 9.31
N TRP C 66 -33.61 -2.38 8.34
CA TRP C 66 -33.45 -3.81 8.15
C TRP C 66 -32.65 -4.46 9.27
N GLY C 67 -31.72 -3.71 9.89
CA GLY C 67 -31.03 -4.24 11.05
C GLY C 67 -31.98 -4.45 12.23
N ARG C 68 -32.93 -3.53 12.39
CA ARG C 68 -33.90 -3.65 13.47
C ARG C 68 -34.90 -4.76 13.18
N CYS C 69 -35.25 -4.96 11.90
CA CYS C 69 -36.13 -6.09 11.55
C CYS C 69 -35.43 -7.42 11.86
N VAL C 70 -34.15 -7.51 11.50
CA VAL C 70 -33.36 -8.67 11.87
C VAL C 70 -33.38 -8.86 13.38
N ALA C 71 -33.13 -7.78 14.12
CA ALA C 71 -33.17 -7.81 15.58
C ALA C 71 -34.49 -8.40 16.10
N VAL C 72 -35.62 -7.93 15.55
CA VAL C 72 -36.93 -8.43 16.00
C VAL C 72 -37.03 -9.93 15.78
N VAL C 73 -36.51 -10.42 14.65
CA VAL C 73 -36.57 -11.87 14.43
C VAL C 73 -35.76 -12.60 15.50
N VAL C 74 -34.58 -12.06 15.82
CA VAL C 74 -33.73 -12.69 16.84
C VAL C 74 -34.41 -12.68 18.20
N MET C 75 -34.99 -11.52 18.57
CA MET C 75 -35.72 -11.40 19.84
C MET C 75 -36.82 -12.44 19.94
N VAL C 76 -37.67 -12.52 18.91
CA VAL C 76 -38.82 -13.43 19.00
C VAL C 76 -38.35 -14.87 19.02
N ALA C 77 -37.32 -15.20 18.23
CA ALA C 77 -36.79 -16.55 18.26
C ALA C 77 -36.25 -16.91 19.64
N GLY C 78 -35.53 -16.00 20.28
CA GLY C 78 -34.98 -16.32 21.59
C GLY C 78 -36.06 -16.45 22.65
N ILE C 79 -36.96 -15.47 22.71
CA ILE C 79 -37.97 -15.45 23.74
C ILE C 79 -38.88 -16.67 23.64
N THR C 80 -39.29 -17.01 22.41
CA THR C 80 -40.16 -18.17 22.26
C THR C 80 -39.41 -19.47 22.51
N SER C 81 -38.15 -19.59 22.09
CA SER C 81 -37.38 -20.80 22.41
C SER C 81 -37.31 -21.02 23.91
N PHE C 82 -37.00 -19.97 24.67
CA PHE C 82 -36.90 -20.13 26.12
C PHE C 82 -38.26 -20.40 26.74
N GLY C 83 -39.33 -19.81 26.19
CA GLY C 83 -40.66 -20.15 26.67
C GLY C 83 -41.01 -21.60 26.40
N LEU C 84 -40.58 -22.12 25.25
CA LEU C 84 -40.84 -23.51 24.89
C LEU C 84 -40.08 -24.46 25.81
N VAL C 85 -38.85 -24.10 26.19
CA VAL C 85 -38.13 -24.90 27.17
C VAL C 85 -38.88 -24.91 28.50
N THR C 86 -39.35 -23.74 28.95
CA THR C 86 -40.16 -23.71 30.17
C THR C 86 -41.40 -24.61 30.06
N ALA C 87 -42.07 -24.58 28.91
CA ALA C 87 -43.28 -25.38 28.72
C ALA C 87 -42.95 -26.86 28.76
N ALA C 88 -41.79 -27.25 28.22
CA ALA C 88 -41.38 -28.64 28.24
C ALA C 88 -41.08 -29.08 29.67
N LEU C 89 -40.42 -28.22 30.43
CA LEU C 89 -40.18 -28.52 31.85
C LEU C 89 -41.49 -28.67 32.60
N ALA C 90 -42.47 -27.80 32.31
CA ALA C 90 -43.75 -27.90 32.99
C ALA C 90 -44.41 -29.23 32.67
N THR C 91 -44.39 -29.63 31.40
CA THR C 91 -45.00 -30.90 31.01
C THR C 91 -44.33 -32.07 31.73
N TRP C 92 -42.99 -32.06 31.79
CA TRP C 92 -42.28 -33.14 32.46
C TRP C 92 -42.65 -33.20 33.94
N PHE C 93 -42.68 -32.04 34.61
CA PHE C 93 -43.05 -32.01 36.02
C PHE C 93 -44.48 -32.46 36.24
N VAL C 94 -45.39 -32.10 35.31
CA VAL C 94 -46.80 -32.44 35.46
C VAL C 94 -46.98 -33.95 35.33
N GLY C 95 -46.37 -34.55 34.30
CA GLY C 95 -46.43 -35.98 34.13
C GLY C 95 -45.88 -36.73 35.32
N ARG C 96 -44.70 -36.30 35.82
CA ARG C 96 -44.09 -36.98 36.96
C ARG C 96 -44.96 -36.83 38.22
N GLU C 97 -45.60 -35.68 38.40
CA GLU C 97 -46.47 -35.53 39.55
C GLU C 97 -47.75 -36.37 39.42
N GLN C 98 -48.25 -36.54 38.19
CA GLN C 98 -49.41 -37.40 38.01
C GLN C 98 -49.06 -38.85 38.36
N GLU C 99 -47.89 -39.32 37.93
CA GLU C 99 -47.43 -40.64 38.32
C GLU C 99 -47.24 -40.73 39.83
N ARG C 100 -46.65 -39.70 40.45
CA ARG C 100 -46.41 -39.72 41.89
C ARG C 100 -47.72 -39.80 42.68
N ARG C 101 -48.79 -39.19 42.18
CA ARG C 101 -50.10 -39.30 42.83
C ARG C 101 -50.79 -40.60 42.45
N GLY C 102 -50.17 -41.40 41.58
CA GLY C 102 -50.82 -42.59 41.04
C GLY C 102 -52.11 -42.30 40.29
N HIS C 103 -52.13 -41.28 39.43
CA HIS C 103 -53.27 -41.06 38.55
C HIS C 103 -52.93 -41.64 37.18
C1 F09 D . -35.41 -10.36 7.84
C2 F09 D . -34.09 -10.52 7.10
C3 F09 D . -33.78 -9.29 6.24
C4 F09 D . -32.41 -9.38 5.56
C5 F09 D . -31.73 -8.01 5.55
C6 F09 D . -30.92 -7.82 4.27
C7 F09 D . -30.24 -6.45 4.24
C8 F09 D . -30.78 -5.59 3.10
C9 F09 D . -30.03 -4.26 3.09
OXT F09 D . -30.53 -3.36 2.13
CA1 DGA E . -37.04 2.14 12.03
CA2 DGA E . -38.42 1.49 12.24
CA3 DGA E . -38.10 0.10 12.83
CA4 DGA E . -39.39 -0.58 13.28
CA5 DGA E . -39.17 -2.10 13.15
CA6 DGA E . -40.01 -2.82 14.22
CA7 DGA E . -41.00 -3.80 13.53
CA8 DGA E . -42.41 -3.58 14.13
CA9 DGA E . -43.17 -4.93 14.20
OA1 DGA E . -36.22 1.93 12.85
CB1 DGA E . -37.44 4.36 8.22
CB2 DGA E . -38.72 3.83 8.91
CB3 DGA E . -39.97 4.07 8.04
CB4 DGA E . -40.90 2.82 7.99
CB5 DGA E . -41.06 2.18 9.40
CB6 DGA E . -42.55 2.14 9.78
CB7 DGA E . -42.99 3.57 10.16
CB8 DGA E . -44.22 3.56 11.11
CB9 DGA E . -44.47 4.33 12.44
CAB DGA E . -45.95 4.77 12.55
CBB DGA E . -46.59 4.07 13.80
CCB DGA E . -47.28 5.12 14.71
CDB DGA E . -48.66 5.51 14.09
CEB DGA E . -48.61 7.00 13.67
OB1 DGA E . -37.44 4.47 7.03
OG1 DGA E . -36.76 2.92 10.89
CG1 DGA E . -35.40 3.25 10.66
CG2 DGA E . -35.32 3.70 9.18
OG2 DGA E . -36.28 4.72 8.96
CG3 DGA E . -33.88 4.14 8.82
OXT DGA E . -33.22 3.18 7.99
NA NA F . -35.52 -9.51 30.01
#